data_4ON3
#
_entry.id   4ON3
#
_cell.length_a   205.130
_cell.length_b   205.130
_cell.length_c   42.220
_cell.angle_alpha   90.00
_cell.angle_beta   90.00
_cell.angle_gamma   120.00
#
_symmetry.space_group_name_H-M   'P 32 2 1'
#
loop_
_entity.id
_entity.type
_entity.pdbx_description
1 polymer 'Sorting nexin-10'
2 non-polymer 'NITRATE ION'
3 non-polymer 'PENTAETHYLENE GLYCOL'
4 non-polymer 'SODIUM ION'
5 water water
#
_entity_poly.entity_id   1
_entity_poly.type   'polypeptide(L)'
_entity_poly.pdbx_seq_one_letter_code
;MFPEQQKEEFVSVWVRDPRIQKEDFWHSYIDYEICIHTNSMAFTMKTSCVRRRYREFVWLRQRLQSNALLVQLPELPSKN
LFFNMNNRQHVDQRRQGLEDFLRKVLQNALLLSDSSLHLFLQSHLNSEDIEACVSGQTKYSVEEAIHKFALMNRRFPEED
EEGKKENDIDYDSESSSSGLGHSSDDSSSHGCKVNTAPQESLEHHHHHH
;
_entity_poly.pdbx_strand_id   A,B
#
loop_
_chem_comp.id
_chem_comp.type
_chem_comp.name
_chem_comp.formula
1PE non-polymer 'PENTAETHYLENE GLYCOL' 'C10 H22 O6'
NA non-polymer 'SODIUM ION' 'Na 1'
NO3 non-polymer 'NITRATE ION' 'N O3 -1'
#
# COMPACT_ATOMS: atom_id res chain seq x y z
N GLU A 8 2.28 -18.45 -1.90
CA GLU A 8 2.25 -19.03 -0.52
C GLU A 8 1.51 -18.15 0.56
N GLU A 9 0.17 -18.07 0.48
CA GLU A 9 -0.67 -16.98 1.12
C GLU A 9 -0.55 -16.82 2.60
N PHE A 10 -0.48 -15.56 3.06
CA PHE A 10 -0.37 -15.24 4.50
C PHE A 10 -1.17 -13.98 4.77
N VAL A 11 -1.70 -13.89 6.00
CA VAL A 11 -2.16 -12.61 6.55
C VAL A 11 -1.74 -12.35 7.99
N SER A 12 -1.15 -11.19 8.21
CA SER A 12 -0.70 -10.78 9.55
C SER A 12 -1.44 -9.53 10.00
N VAL A 13 -1.67 -9.46 11.30
CA VAL A 13 -2.42 -8.41 11.88
C VAL A 13 -1.76 -8.09 13.19
N TRP A 14 -1.59 -6.79 13.45
CA TRP A 14 -1.09 -6.26 14.70
C TRP A 14 -2.06 -5.19 15.16
N VAL A 15 -2.35 -5.22 16.45
CA VAL A 15 -2.97 -4.13 17.12
C VAL A 15 -1.91 -3.45 17.99
N ARG A 16 -1.72 -2.14 17.81
CA ARG A 16 -0.63 -1.43 18.54
C ARG A 16 -1.12 -0.03 18.93
N ASP A 17 -0.27 0.67 19.68
CA ASP A 17 -0.37 2.13 19.76
C ASP A 17 -1.70 2.67 20.35
N PRO A 18 -1.96 2.22 21.57
CA PRO A 18 -3.14 2.66 22.29
C PRO A 18 -3.05 4.14 22.48
N ARG A 19 -4.09 4.90 22.13
CA ARG A 19 -4.04 6.38 22.27
C ARG A 19 -5.35 6.95 22.68
N ILE A 20 -5.31 7.85 23.65
CA ILE A 20 -6.53 8.58 24.02
C ILE A 20 -7.04 9.54 22.95
N GLN A 21 -8.34 9.58 22.76
CA GLN A 21 -8.98 10.48 21.82
C GLN A 21 -9.96 11.40 22.52
N LYS A 22 -10.17 12.61 22.01
CA LYS A 22 -11.08 13.58 22.63
C LYS A 22 -10.75 13.73 24.10
N GLU A 23 -9.48 13.79 24.42
CA GLU A 23 -9.02 13.88 25.79
C GLU A 23 -9.44 15.10 26.59
N ASP A 24 -9.61 16.24 25.94
CA ASP A 24 -10.08 17.42 26.62
C ASP A 24 -11.52 17.66 26.30
N PHE A 25 -12.28 16.57 26.14
CA PHE A 25 -13.72 16.66 26.07
C PHE A 25 -14.29 15.75 27.12
N TRP A 26 -15.60 15.85 27.34
CA TRP A 26 -16.31 14.81 28.08
C TRP A 26 -16.56 13.84 26.94
N HIS A 27 -16.28 12.58 27.20
CA HIS A 27 -16.48 11.50 26.21
C HIS A 27 -15.19 11.05 25.55
N SER A 28 -14.08 11.32 26.20
CA SER A 28 -12.84 10.68 25.86
C SER A 28 -12.97 9.19 25.61
N TYR A 29 -12.17 8.68 24.70
CA TYR A 29 -12.04 7.26 24.51
C TYR A 29 -10.69 6.83 24.05
N ILE A 30 -10.45 5.53 24.08
CA ILE A 30 -9.21 4.94 23.58
C ILE A 30 -9.39 4.23 22.22
N ASP A 31 -8.36 4.38 21.40
CA ASP A 31 -8.34 3.61 20.22
C ASP A 31 -6.99 3.09 19.91
N TYR A 32 -7.00 2.18 18.94
CA TYR A 32 -5.82 1.43 18.58
C TYR A 32 -5.60 1.46 17.09
N GLU A 33 -4.35 1.19 16.77
CA GLU A 33 -3.95 1.05 15.39
C GLU A 33 -3.99 -0.43 15.00
N ILE A 34 -4.66 -0.67 13.89
CA ILE A 34 -4.75 -1.98 13.32
C ILE A 34 -4.03 -2.03 11.98
N CYS A 35 -3.02 -2.86 11.95
CA CYS A 35 -2.10 -2.95 10.85
C CYS A 35 -2.22 -4.33 10.21
N ILE A 36 -2.56 -4.38 8.94
CA ILE A 36 -2.67 -5.62 8.17
C ILE A 36 -1.52 -5.70 7.17
N HIS A 37 -0.82 -6.83 7.15
CA HIS A 37 0.09 -7.15 6.03
C HIS A 37 -0.25 -8.52 5.46
N THR A 38 -0.50 -8.58 4.16
CA THR A 38 -0.95 -9.77 3.55
C THR A 38 -0.56 -9.79 2.10
N ASN A 39 -0.52 -10.99 1.53
CA ASN A 39 -0.31 -11.14 0.08
C ASN A 39 -1.47 -11.83 -0.57
N SER A 40 -2.53 -12.01 0.21
CA SER A 40 -3.73 -12.67 -0.25
C SER A 40 -4.56 -11.94 -1.28
N MET A 41 -5.09 -12.67 -2.26
CA MET A 41 -6.02 -12.11 -3.24
C MET A 41 -7.31 -11.61 -2.56
N ALA A 42 -7.52 -12.02 -1.31
CA ALA A 42 -8.72 -11.69 -0.50
C ALA A 42 -8.84 -10.19 -0.15
N PHE A 43 -7.69 -9.54 0.03
CA PHE A 43 -7.63 -8.14 0.31
C PHE A 43 -7.41 -7.28 -0.90
N THR A 44 -7.91 -6.07 -0.88
CA THR A 44 -7.61 -5.10 -1.89
C THR A 44 -6.22 -4.51 -1.70
N MET A 45 -5.87 -4.15 -0.48
CA MET A 45 -4.58 -3.55 -0.21
C MET A 45 -3.75 -4.52 0.52
N LYS A 46 -2.46 -4.58 0.21
CA LYS A 46 -1.62 -5.60 0.80
C LYS A 46 -1.08 -5.07 2.08
N THR A 47 -1.19 -3.77 2.26
CA THR A 47 -0.94 -3.16 3.59
C THR A 47 -2.00 -2.10 3.91
N SER A 48 -2.29 -1.99 5.21
CA SER A 48 -3.21 -1.00 5.72
C SER A 48 -2.89 -0.77 7.18
N CYS A 49 -3.01 0.49 7.64
CA CYS A 49 -3.03 0.84 9.06
C CYS A 49 -4.25 1.74 9.23
N VAL A 50 -5.00 1.48 10.29
CA VAL A 50 -6.30 2.08 10.51
C VAL A 50 -6.43 2.12 12.01
N ARG A 51 -7.29 3.01 12.49
CA ARG A 51 -7.44 3.21 13.93
C ARG A 51 -8.90 2.93 14.26
N ARG A 52 -9.19 2.11 15.28
CA ARG A 52 -10.60 1.79 15.63
C ARG A 52 -10.71 1.59 17.09
N ARG A 53 -11.91 1.83 17.61
CA ARG A 53 -12.12 1.62 19.05
C ARG A 53 -12.92 0.38 19.30
N TYR A 54 -12.81 -0.11 20.53
CA TYR A 54 -13.55 -1.28 20.98
C TYR A 54 -14.99 -1.24 20.57
N ARG A 55 -15.64 -0.13 20.67
CA ARG A 55 -17.07 -0.14 20.41
C ARG A 55 -17.29 -0.46 18.93
N GLU A 56 -16.31 -0.19 18.11
CA GLU A 56 -16.39 -0.51 16.67
C GLU A 56 -16.11 -2.01 16.37
N PHE A 57 -15.20 -2.62 17.12
CA PHE A 57 -15.02 -4.08 17.13
C PHE A 57 -16.32 -4.82 17.45
N VAL A 58 -16.97 -4.34 18.50
CA VAL A 58 -18.26 -4.83 18.92
C VAL A 58 -19.26 -4.70 17.78
N TRP A 59 -19.32 -3.58 17.15
CA TRP A 59 -20.21 -3.44 16.02
C TRP A 59 -19.91 -4.49 14.95
N LEU A 60 -18.60 -4.73 14.71
CA LEU A 60 -18.09 -5.55 13.60
C LEU A 60 -18.47 -6.98 13.85
N ARG A 61 -18.16 -7.41 15.06
CA ARG A 61 -18.48 -8.73 15.53
C ARG A 61 -19.94 -9.07 15.33
N GLN A 62 -20.82 -8.13 15.68
CA GLN A 62 -22.25 -8.35 15.60
C GLN A 62 -22.69 -8.30 14.17
N ARG A 63 -22.03 -7.49 13.34
CA ARG A 63 -22.41 -7.45 11.93
C ARG A 63 -22.03 -8.78 11.27
N LEU A 64 -20.86 -9.32 11.63
CA LEU A 64 -20.39 -10.55 11.06
C LEU A 64 -21.35 -11.69 11.43
N GLN A 65 -21.64 -11.80 12.72
CA GLN A 65 -22.56 -12.80 13.26
C GLN A 65 -23.89 -12.76 12.55
N SER A 66 -24.34 -11.56 12.24
CA SER A 66 -25.66 -11.42 11.69
C SER A 66 -25.70 -11.91 10.26
N ASN A 67 -24.58 -11.98 9.58
CA ASN A 67 -24.63 -12.43 8.18
C ASN A 67 -24.18 -13.86 8.04
N ALA A 68 -23.65 -14.37 9.13
CA ALA A 68 -23.15 -15.70 9.24
C ALA A 68 -23.75 -16.33 10.48
N LEU A 69 -25.00 -16.79 10.31
CA LEU A 69 -25.87 -17.37 11.36
C LEU A 69 -25.10 -18.35 12.34
N LEU A 70 -24.27 -19.23 11.76
CA LEU A 70 -23.72 -20.41 12.43
C LEU A 70 -22.27 -20.37 12.69
N VAL A 71 -21.64 -19.25 12.38
CA VAL A 71 -20.23 -19.14 12.65
C VAL A 71 -20.04 -18.82 14.12
N GLN A 72 -18.96 -19.32 14.66
CA GLN A 72 -18.64 -19.07 16.02
C GLN A 72 -17.54 -18.03 16.09
N LEU A 73 -17.95 -16.79 16.32
CA LEU A 73 -17.06 -15.63 16.37
C LEU A 73 -16.11 -15.67 17.52
N PRO A 74 -14.92 -15.22 17.32
CA PRO A 74 -14.04 -15.30 18.51
C PRO A 74 -14.44 -14.27 19.57
N GLU A 75 -13.87 -14.41 20.75
CA GLU A 75 -14.20 -13.52 21.83
C GLU A 75 -13.60 -12.12 21.68
N LEU A 76 -14.29 -11.11 22.24
CA LEU A 76 -13.67 -9.80 22.51
C LEU A 76 -13.16 -9.75 23.93
N PRO A 77 -12.20 -8.87 24.18
CA PRO A 77 -11.76 -8.68 25.60
C PRO A 77 -12.76 -7.85 26.48
N SER A 78 -12.32 -7.53 27.72
CA SER A 78 -13.10 -6.80 28.75
C SER A 78 -13.87 -5.63 28.14
N LYS A 79 -15.19 -5.61 28.33
CA LYS A 79 -16.04 -4.47 27.97
C LYS A 79 -15.56 -3.19 28.64
N ASN A 80 -15.82 -2.04 28.00
CA ASN A 80 -15.48 -0.72 28.59
C ASN A 80 -15.82 -0.62 30.03
N LEU A 81 -17.05 -0.94 30.41
CA LEU A 81 -17.45 -0.95 31.84
C LEU A 81 -16.38 -1.47 32.81
N PHE A 82 -15.49 -2.37 32.37
CA PHE A 82 -14.46 -2.95 33.25
C PHE A 82 -13.04 -2.59 32.84
N PHE A 83 -12.97 -1.59 31.97
CA PHE A 83 -11.76 -1.03 31.48
C PHE A 83 -11.42 0.41 32.04
N ASN A 84 -10.12 0.59 32.30
CA ASN A 84 -9.54 1.70 32.98
C ASN A 84 -8.18 1.96 32.35
N MET A 85 -8.12 2.99 31.49
CA MET A 85 -6.87 3.33 30.81
C MET A 85 -5.67 3.62 31.70
N ASN A 86 -5.89 3.96 32.97
CA ASN A 86 -4.76 4.20 33.89
C ASN A 86 -4.10 2.94 34.32
N ASN A 87 -4.75 1.80 34.11
CA ASN A 87 -4.15 0.50 34.37
C ASN A 87 -3.49 -0.03 33.08
N ARG A 88 -2.15 -0.08 33.01
CA ARG A 88 -1.44 -0.60 31.82
C ARG A 88 -1.93 -1.99 31.41
N GLN A 89 -2.12 -2.85 32.42
CA GLN A 89 -2.58 -4.20 32.20
C GLN A 89 -3.90 -4.25 31.47
N HIS A 90 -4.75 -3.29 31.73
CA HIS A 90 -6.01 -3.26 31.02
C HIS A 90 -5.80 -2.93 29.58
N VAL A 91 -4.81 -2.08 29.29
CA VAL A 91 -4.74 -1.53 27.93
C VAL A 91 -3.97 -2.49 27.05
N ASP A 92 -3.12 -3.30 27.69
CA ASP A 92 -2.35 -4.32 27.02
C ASP A 92 -3.28 -5.48 26.72
N GLN A 93 -3.92 -6.02 27.74
CA GLN A 93 -4.94 -7.01 27.52
C GLN A 93 -5.96 -6.63 26.47
N ARG A 94 -6.53 -5.44 26.51
CA ARG A 94 -7.48 -5.03 25.47
C ARG A 94 -6.81 -5.11 24.11
N ARG A 95 -5.51 -4.75 24.02
CA ARG A 95 -4.88 -4.76 22.71
C ARG A 95 -4.65 -6.16 22.22
N GLN A 96 -4.16 -7.02 23.10
CA GLN A 96 -3.91 -8.39 22.79
C GLN A 96 -5.23 -9.07 22.40
N GLY A 97 -6.25 -8.90 23.21
CA GLY A 97 -7.52 -9.50 22.94
C GLY A 97 -8.04 -9.04 21.61
N LEU A 98 -7.81 -7.80 21.23
CA LEU A 98 -8.34 -7.32 19.96
C LEU A 98 -7.56 -7.88 18.73
N GLU A 99 -6.27 -8.10 18.93
CA GLU A 99 -5.44 -8.74 17.96
C GLU A 99 -5.89 -10.18 17.72
N ASP A 100 -6.01 -10.94 18.81
CA ASP A 100 -6.50 -12.33 18.77
C ASP A 100 -7.84 -12.40 18.07
N PHE A 101 -8.76 -11.52 18.43
CA PHE A 101 -10.06 -11.54 17.80
C PHE A 101 -9.93 -11.47 16.28
N LEU A 102 -9.06 -10.58 15.81
CA LEU A 102 -8.97 -10.35 14.37
C LEU A 102 -8.18 -11.44 13.70
N ARG A 103 -7.18 -11.94 14.40
CA ARG A 103 -6.38 -12.99 13.88
C ARG A 103 -7.28 -14.12 13.51
N LYS A 104 -8.13 -14.50 14.44
CA LYS A 104 -8.97 -15.63 14.21
C LYS A 104 -10.02 -15.30 13.17
N VAL A 105 -10.63 -14.15 13.26
CA VAL A 105 -11.66 -13.84 12.30
C VAL A 105 -11.10 -14.02 10.91
N LEU A 106 -9.85 -13.60 10.75
CA LEU A 106 -9.17 -13.58 9.43
C LEU A 106 -8.91 -14.99 8.88
N GLN A 107 -8.62 -15.93 9.80
CA GLN A 107 -8.62 -17.34 9.53
C GLN A 107 -9.89 -17.95 8.92
N ASN A 108 -11.01 -17.24 8.84
CA ASN A 108 -12.27 -17.84 8.38
C ASN A 108 -12.67 -17.29 7.02
N ALA A 109 -12.66 -18.16 6.04
CA ALA A 109 -12.91 -17.77 4.70
C ALA A 109 -14.24 -17.10 4.51
N LEU A 110 -15.24 -17.52 5.27
CA LEU A 110 -16.58 -17.02 5.04
C LEU A 110 -16.65 -15.55 5.52
N LEU A 111 -16.05 -15.32 6.70
CA LEU A 111 -15.94 -13.98 7.25
C LEU A 111 -15.13 -13.06 6.31
N LEU A 112 -13.96 -13.60 5.92
CA LEU A 112 -13.09 -12.97 4.96
C LEU A 112 -13.77 -12.48 3.72
N SER A 113 -14.92 -13.03 3.39
CA SER A 113 -15.63 -12.53 2.23
C SER A 113 -16.65 -11.44 2.56
N ASP A 114 -16.64 -10.95 3.81
CA ASP A 114 -17.60 -9.92 4.23
C ASP A 114 -16.89 -8.57 3.99
N SER A 115 -17.33 -7.84 2.99
CA SER A 115 -16.88 -6.47 2.81
C SER A 115 -16.93 -5.60 4.07
N SER A 116 -17.76 -5.97 5.03
CA SER A 116 -17.82 -5.20 6.26
C SER A 116 -16.51 -5.23 6.99
N LEU A 117 -15.88 -6.39 6.97
CA LEU A 117 -14.59 -6.59 7.64
C LEU A 117 -13.52 -5.81 6.91
N HIS A 118 -13.69 -5.73 5.58
CA HIS A 118 -12.70 -5.10 4.73
C HIS A 118 -12.65 -3.60 4.88
N LEU A 119 -13.81 -2.97 4.85
CA LEU A 119 -13.90 -1.52 5.12
C LEU A 119 -13.53 -1.21 6.56
N PHE A 120 -13.83 -2.13 7.46
CA PHE A 120 -13.40 -1.91 8.83
C PHE A 120 -11.88 -1.81 8.83
N LEU A 121 -11.19 -2.60 8.01
CA LEU A 121 -9.76 -2.77 8.18
C LEU A 121 -8.98 -1.87 7.26
N GLN A 122 -9.59 -1.54 6.13
CA GLN A 122 -8.90 -0.82 5.11
C GLN A 122 -9.66 0.36 4.65
N SER A 123 -10.33 1.05 5.59
CA SER A 123 -11.01 2.29 5.27
C SER A 123 -11.27 3.15 6.47
N HIS A 124 -11.59 4.39 6.17
CA HIS A 124 -11.81 5.48 7.13
C HIS A 124 -13.25 5.45 7.64
N LEU A 125 -14.14 4.91 6.79
CA LEU A 125 -15.59 4.78 7.03
C LEU A 125 -15.97 4.28 8.41
N ASN A 126 -17.02 4.89 8.98
CA ASN A 126 -17.55 4.50 10.27
C ASN A 126 -18.68 3.50 10.07
N SER A 127 -19.14 2.88 11.17
CA SER A 127 -20.15 1.81 11.15
C SER A 127 -21.22 2.07 10.15
N GLU A 128 -21.88 3.21 10.34
CA GLU A 128 -23.07 3.66 9.60
C GLU A 128 -22.79 3.63 8.11
N ASP A 129 -21.70 4.28 7.70
CA ASP A 129 -21.34 4.33 6.27
C ASP A 129 -20.90 3.00 5.71
N ILE A 130 -20.27 2.16 6.52
CA ILE A 130 -19.98 0.81 6.06
C ILE A 130 -21.29 0.11 5.63
N GLU A 131 -22.28 0.07 6.55
CA GLU A 131 -23.59 -0.59 6.30
C GLU A 131 -24.22 0.00 5.05
N ALA A 132 -24.22 1.32 4.93
CA ALA A 132 -24.71 1.99 3.74
C ALA A 132 -24.03 1.42 2.50
N CYS A 133 -22.70 1.45 2.54
CA CYS A 133 -21.91 1.08 1.39
C CYS A 133 -22.14 -0.36 0.94
N VAL A 134 -22.02 -1.33 1.85
CA VAL A 134 -22.14 -2.72 1.44
C VAL A 134 -23.60 -3.15 1.17
N SER A 135 -24.56 -2.33 1.63
CA SER A 135 -25.97 -2.50 1.35
C SER A 135 -26.39 -1.69 0.14
N GLY A 136 -25.42 -1.34 -0.72
CA GLY A 136 -25.70 -0.76 -2.03
C GLY A 136 -26.12 0.69 -2.08
N GLN A 137 -26.17 1.38 -0.94
CA GLN A 137 -26.78 2.71 -0.84
C GLN A 137 -25.88 3.94 -1.04
N THR A 138 -24.63 3.75 -1.39
CA THR A 138 -23.70 4.87 -1.43
C THR A 138 -23.35 5.19 -2.86
N LYS A 139 -22.96 6.43 -3.12
CA LYS A 139 -22.44 6.85 -4.42
C LYS A 139 -21.28 5.94 -4.92
N TYR A 140 -20.50 5.45 -3.94
CA TYR A 140 -19.19 4.83 -4.14
C TYR A 140 -19.19 3.35 -3.76
N SER A 141 -18.40 2.55 -4.48
CA SER A 141 -18.26 1.14 -4.16
C SER A 141 -17.26 0.89 -3.01
N VAL A 142 -17.17 -0.36 -2.59
CA VAL A 142 -16.29 -0.79 -1.52
C VAL A 142 -14.87 -0.51 -1.96
N GLU A 143 -14.53 -0.86 -3.21
CA GLU A 143 -13.18 -0.67 -3.68
C GLU A 143 -12.83 0.79 -3.67
N GLU A 144 -13.74 1.63 -4.14
CA GLU A 144 -13.48 3.06 -4.21
C GLU A 144 -13.17 3.67 -2.88
N ALA A 145 -13.88 3.21 -1.87
CA ALA A 145 -13.65 3.66 -0.51
C ALA A 145 -12.26 3.30 0.03
N ILE A 146 -11.81 2.09 -0.32
CA ILE A 146 -10.57 1.50 0.22
C ILE A 146 -9.38 2.16 -0.47
N HIS A 147 -9.58 2.44 -1.76
CA HIS A 147 -8.60 3.11 -2.57
C HIS A 147 -8.43 4.54 -2.11
N LYS A 148 -9.57 5.22 -1.94
CA LYS A 148 -9.57 6.55 -1.48
C LYS A 148 -8.94 6.65 -0.14
N PHE A 149 -9.18 5.69 0.74
CA PHE A 149 -8.54 5.73 2.04
C PHE A 149 -7.04 5.66 1.89
N ALA A 150 -6.58 4.74 1.06
CA ALA A 150 -5.16 4.48 0.85
C ALA A 150 -4.42 5.72 0.40
N LEU A 151 -4.91 6.33 -0.68
CA LEU A 151 -4.46 7.64 -1.14
C LEU A 151 -4.46 8.72 0.00
N MET A 152 -5.58 8.96 0.69
CA MET A 152 -5.56 9.92 1.81
C MET A 152 -4.38 9.51 2.65
N ASN A 153 -4.36 8.25 3.04
CA ASN A 153 -3.57 7.79 4.16
C ASN A 153 -2.06 7.72 3.85
N ARG A 154 -1.73 7.54 2.59
CA ARG A 154 -0.35 7.56 2.08
C ARG A 154 -0.01 8.94 1.51
N ARG A 155 -0.90 9.92 1.67
CA ARG A 155 -0.65 11.27 1.18
C ARG A 155 -0.23 11.23 -0.27
N PHE A 156 -0.96 10.49 -1.05
CA PHE A 156 -0.57 10.31 -2.43
C PHE A 156 -0.71 11.60 -3.26
N PRO A 157 0.31 11.97 -4.07
CA PRO A 157 0.11 13.12 -4.98
C PRO A 157 -0.44 12.71 -6.36
N GLU B 8 -13.69 -1.32 -13.20
CA GLU B 8 -12.84 -1.87 -14.30
C GLU B 8 -11.42 -1.23 -14.37
N GLU B 9 -10.45 -2.03 -14.83
CA GLU B 9 -9.01 -1.77 -14.59
C GLU B 9 -8.41 -0.47 -15.09
N PHE B 10 -7.71 0.23 -14.20
CA PHE B 10 -6.87 1.36 -14.57
C PHE B 10 -5.45 1.16 -14.09
N VAL B 11 -4.51 1.80 -14.79
CA VAL B 11 -3.21 2.07 -14.20
C VAL B 11 -2.82 3.49 -14.54
N SER B 12 -2.50 4.24 -13.50
CA SER B 12 -2.07 5.62 -13.64
C SER B 12 -0.68 5.79 -13.13
N VAL B 13 0.16 6.42 -13.93
CA VAL B 13 1.52 6.75 -13.51
C VAL B 13 1.82 8.25 -13.64
N TRP B 14 2.44 8.79 -12.61
CA TRP B 14 2.94 10.14 -12.60
C TRP B 14 4.43 10.13 -12.33
N VAL B 15 5.18 11.02 -12.99
CA VAL B 15 6.57 11.30 -12.64
C VAL B 15 6.59 12.75 -12.21
N ARG B 16 7.13 13.04 -11.04
CA ARG B 16 6.91 14.31 -10.37
C ARG B 16 8.06 14.68 -9.41
N ASP B 17 7.98 15.87 -8.84
CA ASP B 17 8.79 16.31 -7.71
C ASP B 17 10.26 16.05 -7.91
N PRO B 18 10.84 16.60 -8.98
CA PRO B 18 12.26 16.39 -9.17
C PRO B 18 13.01 17.07 -8.09
N ARG B 19 14.09 16.47 -7.65
CA ARG B 19 14.90 17.05 -6.64
C ARG B 19 16.31 16.73 -6.95
N ILE B 20 17.16 17.73 -6.73
CA ILE B 20 18.61 17.54 -6.62
C ILE B 20 18.97 16.77 -5.34
N GLN B 21 19.78 15.73 -5.53
CA GLN B 21 20.30 14.93 -4.44
C GLN B 21 21.82 15.13 -4.45
N LYS B 22 22.42 15.17 -3.25
CA LYS B 22 23.86 15.47 -3.05
C LYS B 22 24.68 14.28 -2.55
N GLU B 23 25.29 13.50 -3.45
CA GLU B 23 26.40 12.63 -3.01
C GLU B 23 27.22 13.70 -2.26
N ASP B 24 27.88 13.37 -1.14
CA ASP B 24 28.73 14.35 -0.38
C ASP B 24 29.20 15.59 -1.26
N PHE B 25 30.34 15.43 -1.93
CA PHE B 25 30.63 15.81 -3.35
C PHE B 25 30.77 17.21 -3.96
N TRP B 26 31.56 17.14 -5.04
CA TRP B 26 31.62 18.06 -6.17
C TRP B 26 30.39 17.74 -7.08
N HIS B 27 30.19 16.46 -7.45
CA HIS B 27 28.97 16.03 -8.25
C HIS B 27 27.71 15.46 -7.49
N SER B 28 26.59 15.63 -8.18
CA SER B 28 25.28 15.36 -7.66
C SER B 28 24.34 15.29 -8.86
N TYR B 29 23.08 14.95 -8.59
CA TYR B 29 22.15 14.58 -9.67
C TYR B 29 20.72 14.88 -9.28
N ILE B 30 19.87 14.86 -10.30
CA ILE B 30 18.45 14.88 -10.10
C ILE B 30 17.86 13.48 -10.15
N ASP B 31 16.98 13.18 -9.21
CA ASP B 31 16.01 12.12 -9.37
C ASP B 31 14.58 12.59 -9.21
N TYR B 32 13.67 11.75 -9.70
CA TYR B 32 12.27 12.05 -9.80
C TYR B 32 11.48 11.06 -9.00
N GLU B 33 10.27 11.45 -8.61
CA GLU B 33 9.39 10.55 -7.91
C GLU B 33 8.46 9.88 -8.91
N ILE B 34 8.22 8.58 -8.75
CA ILE B 34 7.33 7.81 -9.61
C ILE B 34 6.27 7.16 -8.75
N CYS B 35 5.04 7.42 -9.15
CA CYS B 35 3.89 7.17 -8.33
C CYS B 35 2.94 6.39 -9.21
N ILE B 36 2.56 5.21 -8.77
CA ILE B 36 1.64 4.33 -9.50
C ILE B 36 0.38 4.28 -8.65
N HIS B 37 -0.77 4.37 -9.32
CA HIS B 37 -2.05 4.02 -8.69
C HIS B 37 -2.85 3.17 -9.64
N THR B 38 -3.17 1.97 -9.18
CA THR B 38 -3.82 1.00 -10.04
C THR B 38 -4.72 0.09 -9.20
N ASN B 39 -5.63 -0.57 -9.88
CA ASN B 39 -6.39 -1.68 -9.30
C ASN B 39 -6.11 -3.01 -10.05
N SER B 40 -5.14 -3.01 -10.94
CA SER B 40 -4.91 -4.19 -11.73
C SER B 40 -4.18 -5.27 -10.94
N MET B 41 -4.40 -6.51 -11.39
CA MET B 41 -3.86 -7.73 -10.78
C MET B 41 -2.41 -7.87 -11.15
N ALA B 42 -2.09 -7.30 -12.32
CA ALA B 42 -0.70 -7.15 -12.82
C ALA B 42 0.29 -6.56 -11.82
N PHE B 43 -0.16 -5.60 -11.02
CA PHE B 43 0.67 -5.05 -9.97
C PHE B 43 0.45 -5.65 -8.61
N THR B 44 1.54 -5.79 -7.88
CA THR B 44 1.52 -6.28 -6.52
C THR B 44 0.93 -5.23 -5.59
N MET B 45 1.43 -4.02 -5.65
CA MET B 45 1.00 -2.95 -4.77
C MET B 45 0.09 -2.04 -5.55
N LYS B 46 -1.01 -1.63 -4.91
CA LYS B 46 -2.02 -0.84 -5.65
C LYS B 46 -1.61 0.64 -5.68
N THR B 47 -0.69 1.02 -4.80
CA THR B 47 -0.04 2.29 -4.91
C THR B 47 1.42 2.10 -4.57
N SER B 48 2.25 2.95 -5.16
CA SER B 48 3.67 2.97 -4.89
C SER B 48 4.33 4.32 -5.24
N CYS B 49 5.24 4.79 -4.38
CA CYS B 49 6.09 5.92 -4.72
C CYS B 49 7.55 5.50 -4.50
N VAL B 50 8.34 5.57 -5.58
CA VAL B 50 9.79 5.46 -5.49
C VAL B 50 10.47 6.64 -6.19
N ARG B 51 11.76 6.79 -5.94
CA ARG B 51 12.51 7.79 -6.59
C ARG B 51 13.54 7.11 -7.49
N ARG B 52 13.59 7.50 -8.77
CA ARG B 52 14.64 7.00 -9.69
C ARG B 52 15.29 8.11 -10.50
N ARG B 53 16.57 7.95 -10.87
CA ARG B 53 17.25 8.92 -11.73
C ARG B 53 17.18 8.48 -13.20
N TYR B 54 17.36 9.43 -14.09
CA TYR B 54 17.37 9.19 -15.50
C TYR B 54 18.26 8.01 -15.95
N ARG B 55 19.42 7.90 -15.36
CA ARG B 55 20.31 6.84 -15.77
C ARG B 55 19.70 5.46 -15.46
N GLU B 56 18.86 5.37 -14.44
CA GLU B 56 18.16 4.11 -14.09
C GLU B 56 17.09 3.84 -15.08
N PHE B 57 16.47 4.89 -15.59
CA PHE B 57 15.55 4.70 -16.73
C PHE B 57 16.21 4.13 -17.97
N VAL B 58 17.47 4.48 -18.15
CA VAL B 58 18.24 4.05 -19.31
C VAL B 58 18.44 2.55 -19.19
N TRP B 59 18.95 2.17 -18.02
CA TRP B 59 19.14 0.79 -17.58
C TRP B 59 17.89 0.00 -17.84
N LEU B 60 16.77 0.55 -17.38
CA LEU B 60 15.48 -0.10 -17.55
C LEU B 60 15.12 -0.35 -18.98
N ARG B 61 15.19 0.68 -19.80
CA ARG B 61 14.82 0.51 -21.20
C ARG B 61 15.65 -0.59 -21.84
N GLN B 62 16.96 -0.64 -21.57
CA GLN B 62 17.74 -1.67 -22.23
C GLN B 62 17.40 -3.04 -21.66
N ARG B 63 17.14 -3.13 -20.35
CA ARG B 63 16.68 -4.36 -19.74
C ARG B 63 15.38 -4.87 -20.35
N LEU B 64 14.39 -4.02 -20.40
CA LEU B 64 13.15 -4.42 -20.97
C LEU B 64 13.34 -4.91 -22.40
N GLN B 65 14.24 -4.26 -23.14
CA GLN B 65 14.48 -4.64 -24.54
C GLN B 65 15.07 -6.03 -24.61
N SER B 66 16.00 -6.35 -23.75
CA SER B 66 16.56 -7.66 -23.83
C SER B 66 15.62 -8.84 -23.37
N ASN B 67 14.56 -8.61 -22.62
CA ASN B 67 13.61 -9.67 -22.23
C ASN B 67 12.40 -9.70 -23.21
N ALA B 68 12.35 -8.72 -24.11
CA ALA B 68 11.28 -8.64 -25.12
C ALA B 68 11.77 -8.18 -26.48
N LEU B 69 12.47 -9.07 -27.16
CA LEU B 69 13.24 -8.63 -28.31
C LEU B 69 12.42 -8.19 -29.52
N LEU B 70 11.13 -8.50 -29.58
CA LEU B 70 10.33 -8.04 -30.73
C LEU B 70 9.48 -6.86 -30.39
N VAL B 71 9.60 -6.34 -29.18
CA VAL B 71 8.82 -5.18 -28.80
C VAL B 71 9.59 -3.91 -29.12
N GLN B 72 8.85 -2.95 -29.71
CA GLN B 72 9.35 -1.62 -30.09
C GLN B 72 9.21 -0.73 -28.88
N LEU B 73 10.28 -0.54 -28.09
CA LEU B 73 10.16 0.23 -26.86
C LEU B 73 9.96 1.72 -27.07
N PRO B 74 9.11 2.37 -26.26
CA PRO B 74 9.04 3.81 -26.35
C PRO B 74 10.40 4.46 -26.15
N GLU B 75 10.57 5.63 -26.75
CA GLU B 75 11.80 6.37 -26.63
C GLU B 75 11.85 7.16 -25.32
N LEU B 76 13.04 7.24 -24.72
CA LEU B 76 13.35 8.12 -23.60
C LEU B 76 13.63 9.49 -24.11
N PRO B 77 13.44 10.51 -23.27
CA PRO B 77 13.87 11.82 -23.69
C PRO B 77 15.38 11.92 -23.87
N SER B 78 15.80 12.91 -24.63
CA SER B 78 17.08 12.88 -25.26
C SER B 78 18.09 13.99 -24.89
N LYS B 79 17.70 15.07 -24.20
CA LYS B 79 18.73 15.97 -23.60
C LYS B 79 19.38 15.13 -22.51
N ASN B 80 20.70 14.91 -22.61
CA ASN B 80 21.50 14.28 -21.52
C ASN B 80 22.79 15.03 -21.28
N LEU B 81 23.49 15.30 -22.38
CA LEU B 81 24.78 15.97 -22.34
C LEU B 81 24.53 17.47 -22.23
N PHE B 82 23.56 17.93 -23.04
CA PHE B 82 23.03 19.31 -23.01
C PHE B 82 22.54 19.61 -21.55
N PHE B 83 21.64 18.75 -21.07
CA PHE B 83 20.91 18.82 -19.78
C PHE B 83 21.58 19.43 -18.57
N ASN B 84 20.93 20.46 -18.05
CA ASN B 84 21.39 21.29 -16.97
C ASN B 84 20.32 21.21 -15.90
N MET B 85 20.71 20.67 -14.77
CA MET B 85 19.79 20.32 -13.75
C MET B 85 19.29 21.55 -13.05
N ASN B 86 19.69 22.74 -13.51
CA ASN B 86 19.27 24.01 -12.86
C ASN B 86 18.40 24.86 -13.73
N ASN B 87 17.90 24.23 -14.78
CA ASN B 87 17.06 24.87 -15.72
C ASN B 87 15.70 24.19 -15.60
N ARG B 88 14.73 24.84 -14.97
CA ARG B 88 13.42 24.26 -14.69
C ARG B 88 12.81 23.67 -15.90
N GLN B 89 13.03 24.28 -17.06
CA GLN B 89 12.54 23.70 -18.32
C GLN B 89 13.22 22.42 -18.73
N HIS B 90 14.51 22.32 -18.52
CA HIS B 90 15.21 21.08 -18.77
C HIS B 90 14.63 20.00 -17.87
N VAL B 91 14.56 20.26 -16.55
CA VAL B 91 14.21 19.19 -15.67
C VAL B 91 12.79 18.80 -15.92
N ASP B 92 11.95 19.74 -16.35
CA ASP B 92 10.55 19.42 -16.45
C ASP B 92 10.23 18.75 -17.78
N GLN B 93 10.93 19.15 -18.83
CA GLN B 93 10.79 18.53 -20.17
C GLN B 93 11.17 17.03 -20.09
N ARG B 94 12.11 16.77 -19.20
CA ARG B 94 12.51 15.42 -18.91
C ARG B 94 11.48 14.66 -18.03
N ARG B 95 10.98 15.21 -16.93
CA ARG B 95 9.92 14.45 -16.25
C ARG B 95 8.78 14.15 -17.19
N GLN B 96 8.36 15.11 -17.99
CA GLN B 96 7.34 14.81 -18.98
C GLN B 96 7.72 13.57 -19.76
N GLY B 97 8.96 13.48 -20.22
CA GLY B 97 9.37 12.42 -21.15
C GLY B 97 9.39 11.07 -20.49
N LEU B 98 10.04 11.01 -19.34
CA LEU B 98 9.97 9.87 -18.46
C LEU B 98 8.51 9.43 -18.12
N GLU B 99 7.62 10.36 -17.82
CA GLU B 99 6.21 10.01 -17.66
C GLU B 99 5.63 9.38 -18.93
N ASP B 100 5.91 9.97 -20.06
CA ASP B 100 5.33 9.48 -21.29
C ASP B 100 5.90 8.13 -21.59
N PHE B 101 7.20 7.97 -21.39
CA PHE B 101 7.83 6.68 -21.55
C PHE B 101 7.09 5.63 -20.75
N LEU B 102 6.88 5.84 -19.46
CA LEU B 102 6.31 4.79 -18.70
C LEU B 102 4.88 4.58 -19.08
N ARG B 103 4.13 5.61 -19.34
CA ARG B 103 2.72 5.36 -19.53
C ARG B 103 2.51 4.53 -20.82
N LYS B 104 3.39 4.69 -21.78
CA LYS B 104 3.39 3.82 -22.94
C LYS B 104 3.82 2.43 -22.55
N VAL B 105 4.94 2.30 -21.87
CA VAL B 105 5.43 1.02 -21.42
C VAL B 105 4.32 0.23 -20.71
N LEU B 106 3.65 0.82 -19.73
CA LEU B 106 2.60 0.12 -18.98
C LEU B 106 1.37 -0.30 -19.81
N GLN B 107 1.27 0.19 -21.04
CA GLN B 107 0.13 -0.16 -21.85
C GLN B 107 0.34 -1.45 -22.55
N ASN B 108 1.47 -2.09 -22.28
CA ASN B 108 1.87 -3.24 -23.06
C ASN B 108 1.96 -4.42 -22.15
N ALA B 109 1.13 -5.43 -22.40
CA ALA B 109 1.08 -6.54 -21.45
C ALA B 109 2.37 -7.40 -21.48
N LEU B 110 3.07 -7.45 -22.59
CA LEU B 110 4.34 -8.15 -22.56
C LEU B 110 5.32 -7.51 -21.61
N LEU B 111 5.47 -6.18 -21.67
CA LEU B 111 6.44 -5.47 -20.82
C LEU B 111 6.03 -5.51 -19.37
N LEU B 112 4.73 -5.38 -19.12
CA LEU B 112 4.15 -5.49 -17.80
C LEU B 112 4.40 -6.80 -17.09
N SER B 113 4.76 -7.85 -17.78
CA SER B 113 5.11 -9.10 -17.10
C SER B 113 6.64 -9.28 -16.75
N ASP B 114 7.47 -8.27 -17.02
CA ASP B 114 8.91 -8.29 -16.75
C ASP B 114 9.02 -7.88 -15.30
N SER B 115 9.66 -8.66 -14.46
CA SER B 115 9.74 -8.22 -13.06
C SER B 115 10.70 -7.11 -12.84
N SER B 116 11.58 -6.90 -13.81
CA SER B 116 12.49 -5.76 -13.71
C SER B 116 11.65 -4.47 -13.66
N LEU B 117 10.57 -4.36 -14.43
CA LEU B 117 9.72 -3.18 -14.40
C LEU B 117 9.02 -3.02 -13.05
N HIS B 118 8.55 -4.12 -12.50
CA HIS B 118 7.90 -4.06 -11.21
C HIS B 118 8.81 -3.72 -10.10
N LEU B 119 10.01 -4.28 -10.06
CA LEU B 119 10.98 -3.93 -9.01
C LEU B 119 11.53 -2.48 -9.21
N PHE B 120 11.53 -2.07 -10.46
CA PHE B 120 11.87 -0.72 -10.76
C PHE B 120 10.84 0.23 -10.18
N LEU B 121 9.57 -0.07 -10.42
CA LEU B 121 8.52 0.84 -9.96
C LEU B 121 8.19 0.67 -8.46
N GLN B 122 8.28 -0.55 -7.92
CA GLN B 122 7.74 -0.78 -6.62
C GLN B 122 8.71 -1.32 -5.64
N SER B 123 9.98 -1.03 -5.84
CA SER B 123 10.98 -1.29 -4.81
C SER B 123 12.11 -0.32 -4.94
N HIS B 124 12.94 -0.41 -3.92
CA HIS B 124 14.09 0.43 -3.67
C HIS B 124 15.36 -0.15 -4.31
N LEU B 125 15.29 -1.35 -4.86
CA LEU B 125 16.49 -2.10 -5.27
C LEU B 125 17.18 -1.36 -6.38
N ASN B 126 18.52 -1.33 -6.40
CA ASN B 126 19.13 -0.85 -7.61
C ASN B 126 19.32 -1.91 -8.70
N SER B 127 19.81 -1.46 -9.85
CA SER B 127 19.83 -2.33 -10.98
C SER B 127 20.66 -3.57 -10.78
N GLU B 128 21.86 -3.54 -10.20
CA GLU B 128 22.56 -4.83 -9.97
C GLU B 128 21.61 -5.74 -9.16
N ASP B 129 20.93 -5.23 -8.14
CA ASP B 129 20.14 -6.12 -7.31
C ASP B 129 18.86 -6.52 -8.02
N ILE B 130 18.28 -5.64 -8.79
CA ILE B 130 17.12 -6.07 -9.54
C ILE B 130 17.50 -7.24 -10.38
N GLU B 131 18.63 -7.14 -11.06
CA GLU B 131 19.14 -8.21 -11.95
C GLU B 131 19.37 -9.53 -11.24
N ALA B 132 20.07 -9.45 -10.11
CA ALA B 132 20.28 -10.58 -9.20
C ALA B 132 19.01 -11.22 -8.82
N CYS B 133 18.05 -10.41 -8.45
CA CYS B 133 16.80 -10.88 -7.90
C CYS B 133 16.01 -11.57 -8.97
N VAL B 134 15.87 -11.01 -10.17
CA VAL B 134 15.08 -11.71 -11.21
C VAL B 134 15.83 -12.93 -11.77
N SER B 135 17.15 -12.95 -11.67
CA SER B 135 17.94 -14.11 -12.01
C SER B 135 17.88 -15.19 -10.98
N GLY B 136 17.29 -14.96 -9.83
CA GLY B 136 17.32 -16.00 -8.83
C GLY B 136 18.57 -16.06 -7.98
N GLN B 137 19.42 -15.07 -8.07
CA GLN B 137 20.64 -15.03 -7.31
C GLN B 137 20.50 -14.45 -5.92
N THR B 138 19.31 -13.99 -5.52
CA THR B 138 19.15 -13.36 -4.19
C THR B 138 18.33 -14.23 -3.36
N LYS B 139 18.46 -14.07 -2.06
CA LYS B 139 17.70 -14.85 -1.09
C LYS B 139 16.24 -14.48 -1.13
N TYR B 140 15.97 -13.20 -1.36
CA TYR B 140 14.59 -12.70 -1.43
C TYR B 140 14.01 -12.90 -2.80
N SER B 141 12.70 -13.19 -2.87
CA SER B 141 12.01 -13.13 -4.16
C SER B 141 11.77 -11.71 -4.58
N VAL B 142 11.40 -11.59 -5.82
CA VAL B 142 10.76 -10.39 -6.34
C VAL B 142 9.65 -9.88 -5.42
N GLU B 143 8.75 -10.75 -4.95
CA GLU B 143 7.63 -10.27 -4.15
C GLU B 143 8.05 -9.89 -2.78
N GLU B 144 9.07 -10.53 -2.26
CA GLU B 144 9.51 -10.19 -0.96
C GLU B 144 10.03 -8.79 -0.95
N ALA B 145 10.65 -8.38 -2.05
CA ALA B 145 11.33 -7.12 -2.07
C ALA B 145 10.34 -5.97 -2.15
N ILE B 146 9.33 -6.18 -2.97
CA ILE B 146 8.26 -5.23 -3.16
C ILE B 146 7.48 -5.03 -1.83
N HIS B 147 7.16 -6.14 -1.18
CA HIS B 147 6.54 -6.11 0.14
C HIS B 147 7.44 -5.42 1.16
N LYS B 148 8.75 -5.68 1.19
CA LYS B 148 9.57 -4.99 2.20
C LYS B 148 9.67 -3.54 1.87
N PHE B 149 9.55 -3.16 0.62
CA PHE B 149 9.71 -1.78 0.29
C PHE B 149 8.50 -1.06 0.80
N ALA B 150 7.33 -1.60 0.49
CA ALA B 150 6.05 -1.09 1.01
C ALA B 150 6.14 -0.93 2.52
N LEU B 151 6.59 -1.91 3.25
CA LEU B 151 6.73 -1.77 4.69
C LEU B 151 7.79 -0.74 5.15
N MET B 152 8.99 -0.64 4.55
CA MET B 152 10.02 0.36 4.91
C MET B 152 9.31 1.69 4.69
N ASN B 153 8.68 1.77 3.54
CA ASN B 153 8.27 3.01 3.00
C ASN B 153 6.96 3.53 3.57
N ARG B 154 6.21 2.77 4.36
CA ARG B 154 4.88 3.17 4.84
C ARG B 154 4.98 3.21 6.35
N ARG B 155 6.13 3.69 6.78
CA ARG B 155 6.76 3.33 8.06
C ARG B 155 5.95 2.32 8.87
N PHE B 156 5.68 1.18 8.27
CA PHE B 156 4.93 0.14 8.91
C PHE B 156 5.64 -0.33 10.18
N PRO B 157 4.91 -0.36 11.31
CA PRO B 157 5.39 -0.99 12.56
C PRO B 157 5.92 -2.44 12.40
N GLU B 158 7.26 -2.54 12.48
CA GLU B 158 8.07 -3.79 12.38
C GLU B 158 7.63 -4.75 11.27
N NO3 C . -14.41 2.30 22.82
O1 NO3 C . -13.15 2.03 22.77
O2 NO3 C . -15.16 2.94 21.84
O3 NO3 C . -15.22 1.95 23.91
N NO3 D . -8.40 -0.62 38.10
O1 NO3 D . -9.15 -0.35 37.19
O2 NO3 D . -7.01 -0.58 37.92
O3 NO3 D . -8.92 -0.94 39.34
N NO3 E . -8.28 16.28 22.59
O1 NO3 E . -8.90 16.14 21.54
O2 NO3 E . -6.91 15.89 22.78
O3 NO3 E . -9.00 16.87 23.65
N NO3 F . -3.89 9.10 16.93
O1 NO3 F . -4.23 9.56 15.82
O2 NO3 F . -4.94 8.69 17.79
O3 NO3 F . -2.54 8.91 17.38
N NO3 G . -15.46 7.44 -0.53
O1 NO3 G . -16.60 7.73 -0.17
O2 NO3 G . -14.55 7.25 0.52
O3 NO3 G . -15.08 7.29 -1.90
N NO3 H . -8.31 5.94 9.69
O1 NO3 H . -7.43 6.59 9.11
O2 NO3 H . -7.92 5.35 10.95
O3 NO3 H . -9.61 5.84 9.06
N NO3 I . -23.41 -19.27 8.33
O1 NO3 I . -24.06 -18.57 7.55
O2 NO3 I . -22.01 -19.28 8.35
O3 NO3 I . -24.03 -20.12 9.26
OH2 1PE J . -21.24 3.27 32.62
C12 1PE J . -19.90 2.80 32.89
C22 1PE J . -19.31 2.30 31.58
OH3 1PE J . -18.02 2.81 31.33
C13 1PE J . -15.99 1.97 32.24
C23 1PE J . -17.23 2.83 32.52
OH4 1PE J . -14.72 2.62 32.08
C14 1PE J . -15.24 3.24 29.76
C24 1PE J . -14.24 2.59 30.71
OH5 1PE J . -14.73 3.50 28.45
C15 1PE J . -14.89 5.58 27.43
C25 1PE J . -15.66 4.32 27.77
OH6 1PE J . -15.16 5.92 26.08
OH2 1PE K . -14.09 -8.16 33.60
C12 1PE K . -15.36 -8.51 32.99
C22 1PE K . -15.35 -8.29 31.45
OH3 1PE K . -16.66 -8.53 30.90
C23 1PE K . -16.92 -7.98 29.60
C22 1PE L . -3.46 2.19 3.94
OH3 1PE L . -2.58 2.56 5.03
C13 1PE L . -0.47 1.21 4.57
C23 1PE L . -1.13 2.58 4.85
OH4 1PE L . 0.59 0.82 5.49
C22 1PE M . -17.69 -12.34 23.23
OH3 1PE M . -17.32 -12.66 24.56
C13 1PE M . -16.77 -11.50 26.68
C23 1PE M . -16.31 -11.88 25.24
OH4 1PE M . -15.82 -10.73 27.46
C14 1PE M . -13.60 -11.23 28.39
C24 1PE M . -15.11 -11.53 28.43
OH5 1PE M . -13.09 -10.86 29.68
OH2 1PE N . -20.19 8.08 27.18
C12 1PE N . -18.79 8.07 27.50
C22 1PE N . -18.07 6.90 26.85
OH3 1PE N . -17.15 7.41 25.85
C13 1PE N . -16.92 8.42 23.63
C23 1PE N . -17.47 7.22 24.44
OH4 1PE N . -17.57 8.81 22.40
C14 1PE N . -19.56 9.67 21.14
C24 1PE N . -19.01 9.00 22.41
OH5 1PE N . -20.56 10.62 21.54
OH6 1PE O . -19.60 -1.32 28.18
C16 1PE O . -18.98 -2.50 26.04
C26 1PE O . -18.62 -1.53 27.16
OH7 1PE O . -19.14 -1.83 24.77
NA NA P . -20.75 -15.93 21.14
NA NA Q . -5.51 -2.36 8.60
NA NA R . -1.47 -12.89 12.25
NA NA S . -10.04 -5.41 1.08
N NO3 T . -1.25 -1.91 -1.49
O1 NO3 T . -1.28 -1.96 -0.27
O2 NO3 T . -0.64 -0.92 -2.22
O3 NO3 T . -1.84 -2.84 -2.30
N NO3 U . 21.36 10.67 -14.44
O1 NO3 U . 20.49 10.78 -13.61
O2 NO3 U . 22.61 10.41 -13.96
O3 NO3 U . 21.13 10.77 -15.84
N NO3 V . 21.07 14.80 -13.73
O1 NO3 V . 21.61 14.15 -12.83
O2 NO3 V . 21.80 15.75 -14.46
O3 NO3 V . 19.69 14.59 -14.02
N NO3 W . 12.78 5.00 -2.87
O1 NO3 W . 12.04 5.60 -2.11
O2 NO3 W . 13.55 3.90 -2.46
O3 NO3 W . 12.83 5.44 -4.19
N NO3 X . 8.34 -13.97 -6.80
O1 NO3 X . 7.55 -13.46 -7.60
O2 NO3 X . 9.71 -14.22 -7.16
O3 NO3 X . 7.83 -14.29 -5.52
N NO3 Y . 14.66 28.94 -14.34
O1 NO3 Y . 15.56 28.08 -14.59
O2 NO3 Y . 14.27 29.92 -15.28
O3 NO3 Y . 13.95 29.01 -13.11
N NO3 Z . 22.77 9.48 -19.49
O1 NO3 Z . 22.68 8.72 -20.44
O2 NO3 Z . 23.05 8.96 -18.24
O3 NO3 Z . 22.59 10.84 -19.67
C22 1PE AA . -1.15 -9.36 -7.21
OH3 1PE AA . -0.40 -10.25 -6.35
C13 1PE AA . 0.80 -9.62 -4.21
C23 1PE AA . -0.50 -10.10 -4.89
OH4 1PE AA . 1.38 -10.42 -3.15
C14 1PE AA . 3.36 -11.98 -3.45
C24 1PE AA . 1.81 -11.77 -3.51
OH5 1PE AA . 3.96 -12.75 -2.37
C15 1PE AA . 5.47 -12.46 -0.25
C25 1PE AA . 4.61 -11.88 -1.40
OH6 1PE AA . 5.48 -11.50 0.86
C16 1PE AA . 6.60 -10.92 2.98
C26 1PE AA . 6.73 -11.25 1.51
OH7 1PE AA . 7.44 -9.80 3.21
OH2 1PE BA . 18.61 3.86 -23.76
C12 1PE BA . 18.62 4.51 -25.05
C22 1PE BA . 17.19 5.00 -25.43
OH3 1PE BA . 17.04 5.26 -26.86
C13 1PE BA . 14.96 6.16 -26.23
C23 1PE BA . 15.73 5.54 -27.36
OH5 1PE CA . 6.04 19.21 -6.77
C15 1PE CA . 5.71 19.16 -9.18
C25 1PE CA . 5.20 18.69 -7.81
OH6 1PE CA . 6.30 18.08 -9.96
C16 1PE CA . 4.36 17.30 -11.33
C26 1PE CA . 5.79 17.90 -11.30
OH7 1PE CA . 3.73 17.50 -12.60
OH2 1PE DA . 2.20 5.36 -1.88
C12 1PE DA . 2.63 4.09 -1.37
C22 1PE DA . 4.10 4.09 -0.92
OH3 1PE DA . 5.04 3.30 -1.74
C13 1PE DA . 5.09 0.82 -2.51
C23 1PE DA . 5.31 1.90 -1.40
OH4 1PE DA . 5.32 -0.59 -2.11
C24 1PE DA . 6.09 -1.51 -2.95
NA NA EA . 4.19 -5.14 -8.95
NA NA FA . 5.85 3.65 -8.32
NA NA GA . 23.64 -16.11 -5.28
NA NA HA . -1.48 6.80 -17.17
#